data_9HT4
#
_entry.id   9HT4
#
_cell.length_a   33.957
_cell.length_b   118.525
_cell.length_c   167.210
_cell.angle_alpha   90.00
_cell.angle_beta   90.00
_cell.angle_gamma   90.00
#
_symmetry.space_group_name_H-M   'P 21 21 21'
#
loop_
_entity.id
_entity.type
_entity.pdbx_description
1 polymer 'Probable C4-dicarboxylate-binding periplasmic protein'
2 non-polymer 'SUCCINIC ACID'
3 water water
#
_entity_poly.entity_id   1
_entity_poly.type   'polypeptide(L)'
_entity_poly.pdbx_seq_one_letter_code
;AQPIVIKFSHVVAENTPKGQGALLFKKLVEQRLGGRVEVDVYPNSSLFGDGKEMEALLLGDVQMLAPSLAKFEQYTRKVQ
IFDLPFLFDDIQAVDRFQRSPQGRALLTSMQGKGILGLAYWHNGMKQLSANRPLLEPEDARGLKFRVQASDVLNEQFRQL
RAISRKMSFAEVYQGLQTGVVNGTENTWSNYESQKVNEVQKYFTESNHGLVDYMVITNAKFWNGLPADIREELQRIMDEV
TVQVNLEAERLNRDARQRILASGASEIHTLSPQQRADWRQAMQPVWQKFRGNVGADLLQAAEASNRPD
;
_entity_poly.pdbx_strand_id   A,B
#
# COMPACT_ATOMS: atom_id res chain seq x y z
N PRO A 3 16.07 20.94 7.17
CA PRO A 3 14.66 20.66 7.36
C PRO A 3 14.39 19.39 8.17
N ILE A 4 13.59 19.49 9.23
CA ILE A 4 13.16 18.30 10.01
C ILE A 4 11.97 17.66 9.30
N VAL A 5 12.07 16.39 8.97
CA VAL A 5 10.96 15.67 8.26
C VAL A 5 10.11 14.89 9.28
N ILE A 6 8.81 15.02 9.16
CA ILE A 6 7.87 14.23 10.00
C ILE A 6 7.03 13.38 9.03
N LYS A 7 7.22 12.07 9.08
CA LYS A 7 6.40 11.15 8.27
C LYS A 7 5.22 10.71 9.14
N PHE A 8 4.01 10.92 8.63
CA PHE A 8 2.78 10.61 9.38
C PHE A 8 2.05 9.54 8.58
N SER A 9 2.01 8.33 9.12
CA SER A 9 1.37 7.18 8.45
C SER A 9 0.02 6.86 9.13
N HIS A 10 -0.93 6.38 8.34
CA HIS A 10 -2.21 5.92 8.95
C HIS A 10 -2.89 4.90 8.04
N VAL A 11 -3.93 4.27 8.56
CA VAL A 11 -4.60 3.16 7.81
C VAL A 11 -5.98 3.57 7.24
N VAL A 12 -6.38 4.82 7.40
CA VAL A 12 -7.75 5.20 6.95
C VAL A 12 -7.73 5.94 5.61
N ALA A 13 -8.90 6.06 5.00
CA ALA A 13 -9.03 6.84 3.75
C ALA A 13 -8.76 8.32 4.04
N GLU A 14 -8.43 9.06 3.00
CA GLU A 14 -8.16 10.50 3.18
C GLU A 14 -9.45 11.24 3.61
N ASN A 15 -10.59 10.82 3.09
CA ASN A 15 -11.88 11.52 3.35
C ASN A 15 -12.46 11.10 4.71
N THR A 16 -11.67 11.25 5.76
CA THR A 16 -12.05 10.80 7.11
C THR A 16 -11.55 11.79 8.13
N PRO A 17 -12.01 11.72 9.40
CA PRO A 17 -11.46 12.59 10.42
C PRO A 17 -9.92 12.56 10.47
N LYS A 18 -9.34 11.37 10.63
CA LYS A 18 -7.87 11.24 10.76
C LYS A 18 -7.16 11.62 9.45
N GLY A 19 -7.74 11.21 8.33
CA GLY A 19 -7.10 11.51 7.03
C GLY A 19 -7.01 13.01 6.79
N GLN A 20 -8.11 13.70 7.03
CA GLN A 20 -8.12 15.18 6.91
C GLN A 20 -7.18 15.79 7.98
N GLY A 21 -7.18 15.24 9.18
CA GLY A 21 -6.34 15.78 10.27
C GLY A 21 -4.86 15.74 9.89
N ALA A 22 -4.42 14.62 9.37
CA ALA A 22 -3.00 14.47 8.99
C ALA A 22 -2.65 15.48 7.90
N LEU A 23 -3.57 15.64 6.95
CA LEU A 23 -3.32 16.58 5.82
C LEU A 23 -3.35 18.04 6.31
N LEU A 24 -4.19 18.36 7.29
CA LEU A 24 -4.24 19.72 7.89
C LEU A 24 -2.93 20.00 8.64
N PHE A 25 -2.45 19.00 9.39
CA PHE A 25 -1.20 19.17 10.15
C PHE A 25 -0.09 19.56 9.15
N LYS A 26 -0.05 18.83 8.04
CA LYS A 26 0.99 19.10 7.02
C LYS A 26 0.84 20.52 6.48
N LYS A 27 -0.36 20.93 6.18
CA LYS A 27 -0.64 22.28 5.61
C LYS A 27 -0.21 23.39 6.58
N LEU A 28 -0.64 23.27 7.84
CA LEU A 28 -0.33 24.31 8.84
C LEU A 28 1.18 24.37 9.12
N VAL A 29 1.84 23.22 9.19
CA VAL A 29 3.33 23.21 9.35
C VAL A 29 3.95 23.96 8.16
N GLU A 30 3.50 23.65 6.96
CA GLU A 30 4.01 24.35 5.77
C GLU A 30 3.75 25.87 5.86
N GLN A 31 2.57 26.25 6.35
CA GLN A 31 2.19 27.68 6.39
C GLN A 31 2.85 28.44 7.55
N ARG A 32 3.29 27.73 8.59
CA ARG A 32 3.76 28.44 9.80
C ARG A 32 5.23 28.20 10.20
N LEU A 33 5.88 27.14 9.70
CA LEU A 33 7.25 26.86 10.20
C LEU A 33 8.36 27.25 9.20
N GLY A 34 8.02 27.95 8.12
CA GLY A 34 9.04 28.50 7.21
C GLY A 34 10.02 27.48 6.65
N GLY A 35 9.60 26.24 6.49
CA GLY A 35 10.47 25.21 5.89
C GLY A 35 11.39 24.53 6.89
N ARG A 36 11.36 24.95 8.15
CA ARG A 36 12.18 24.29 9.20
C ARG A 36 11.67 22.86 9.45
N VAL A 37 10.38 22.63 9.23
CA VAL A 37 9.80 21.28 9.36
C VAL A 37 9.02 20.96 8.08
N GLU A 38 9.15 19.75 7.60
CA GLU A 38 8.35 19.28 6.45
C GLU A 38 7.56 18.06 6.91
N VAL A 39 6.40 17.83 6.30
CA VAL A 39 5.54 16.71 6.75
C VAL A 39 5.12 15.87 5.54
N ASP A 40 5.28 14.55 5.65
CA ASP A 40 4.81 13.66 4.57
C ASP A 40 3.68 12.82 5.16
N VAL A 41 2.62 12.64 4.39
CA VAL A 41 1.42 11.91 4.89
C VAL A 41 1.21 10.65 4.04
N TYR A 42 1.04 9.51 4.70
CA TYR A 42 0.85 8.22 3.99
C TYR A 42 -0.46 7.59 4.47
N PRO A 43 -1.54 7.77 3.70
CA PRO A 43 -2.83 7.22 4.09
C PRO A 43 -3.16 5.80 3.68
N ASN A 44 -4.25 5.27 4.23
CA ASN A 44 -4.78 3.97 3.73
C ASN A 44 -3.74 2.86 3.70
N SER A 45 -2.89 2.79 4.72
CA SER A 45 -1.88 1.71 4.83
C SER A 45 -0.93 1.72 3.62
N SER A 46 -0.77 2.88 2.99
CA SER A 46 0.11 3.03 1.81
C SER A 46 1.58 2.85 2.19
N LEU A 47 1.94 3.19 3.42
CA LEU A 47 3.34 3.00 3.89
C LEU A 47 3.34 1.89 4.94
N PHE A 48 2.51 2.04 5.96
CA PHE A 48 2.45 1.04 7.04
C PHE A 48 1.02 0.80 7.46
N GLY A 49 0.71 -0.48 7.67
CA GLY A 49 -0.62 -0.83 8.18
C GLY A 49 -0.58 -1.08 9.66
N ASP A 50 -1.66 -1.66 10.18
CA ASP A 50 -1.76 -1.94 11.63
C ASP A 50 -0.57 -2.76 12.13
N GLY A 51 -0.14 -2.50 13.37
CA GLY A 51 0.95 -3.24 14.01
C GLY A 51 2.29 -2.80 13.48
N LYS A 52 2.53 -3.07 12.20
CA LYS A 52 3.79 -2.65 11.55
C LYS A 52 4.07 -1.16 11.82
N GLU A 53 3.02 -0.34 11.78
CA GLU A 53 3.21 1.12 11.97
C GLU A 53 3.96 1.41 13.30
N MET A 54 3.58 0.74 14.39
CA MET A 54 4.20 0.98 15.71
C MET A 54 5.65 0.46 15.73
N GLU A 55 5.87 -0.68 15.10
CA GLU A 55 7.25 -1.22 15.00
C GLU A 55 8.10 -0.16 14.29
N ALA A 56 7.58 0.39 13.20
CA ALA A 56 8.29 1.43 12.43
C ALA A 56 8.49 2.71 13.25
N LEU A 57 7.47 3.09 14.02
CA LEU A 57 7.59 4.28 14.88
C LEU A 57 8.77 4.08 15.84
N LEU A 58 8.82 2.92 16.47
CA LEU A 58 9.90 2.66 17.46
C LEU A 58 11.26 2.58 16.75
N LEU A 59 11.25 2.17 15.48
CA LEU A 59 12.51 2.07 14.72
C LEU A 59 12.95 3.44 14.15
N GLY A 60 12.00 4.37 13.97
CA GLY A 60 12.33 5.68 13.37
C GLY A 60 12.08 5.71 11.88
N ASP A 61 11.32 4.75 11.37
CA ASP A 61 10.94 4.77 9.93
C ASP A 61 9.75 5.72 9.74
N VAL A 62 9.10 6.06 10.84
CA VAL A 62 7.97 7.05 10.80
C VAL A 62 8.09 7.90 12.08
N GLN A 63 7.51 9.09 12.09
CA GLN A 63 7.66 10.01 13.24
C GLN A 63 6.30 10.30 13.90
N MET A 64 5.22 9.98 13.22
CA MET A 64 3.90 10.29 13.81
C MET A 64 2.84 9.29 13.36
N LEU A 65 1.99 8.91 14.30
CA LEU A 65 0.87 8.00 14.02
C LEU A 65 -0.35 8.48 14.81
N ALA A 66 -1.51 7.91 14.51
CA ALA A 66 -2.69 8.17 15.34
C ALA A 66 -3.55 6.90 15.33
N PRO A 67 -3.08 5.83 15.99
CA PRO A 67 -3.79 4.56 15.99
C PRO A 67 -5.00 4.54 16.90
N SER A 68 -5.96 3.67 16.62
CA SER A 68 -7.10 3.49 17.53
C SER A 68 -6.61 3.13 18.93
N LEU A 69 -7.32 3.60 19.94
CA LEU A 69 -6.98 3.29 21.35
C LEU A 69 -7.12 1.77 21.61
N ALA A 70 -7.73 1.04 20.68
CA ALA A 70 -7.84 -0.42 20.82
C ALA A 70 -6.54 -1.14 20.44
N LYS A 71 -5.55 -0.42 19.94
CA LYS A 71 -4.33 -1.08 19.38
C LYS A 71 -3.04 -0.86 20.22
N PHE A 72 -3.17 -0.70 21.53
CA PHE A 72 -2.00 -0.39 22.39
C PHE A 72 -1.73 -1.45 23.48
N GLU A 73 -2.38 -2.61 23.40
CA GLU A 73 -2.27 -3.61 24.50
C GLU A 73 -0.81 -4.14 24.63
N GLN A 74 -0.01 -4.04 23.57
CA GLN A 74 1.37 -4.57 23.66
C GLN A 74 2.25 -3.58 24.43
N TYR A 75 1.72 -2.37 24.68
CA TYR A 75 2.54 -1.29 25.29
C TYR A 75 1.98 -0.91 26.64
N THR A 76 0.68 -1.02 26.80
CA THR A 76 0.05 -0.79 28.11
C THR A 76 -1.28 -1.48 28.10
N ARG A 77 -1.80 -1.79 29.28
CA ARG A 77 -3.16 -2.37 29.37
C ARG A 77 -4.14 -1.34 29.96
N LYS A 78 -3.67 -0.12 30.20
CA LYS A 78 -4.54 0.91 30.81
C LYS A 78 -5.50 1.49 29.75
N VAL A 79 -5.07 1.55 28.48
CA VAL A 79 -5.89 2.18 27.40
C VAL A 79 -7.02 1.24 27.01
N GLN A 80 -6.96 -0.02 27.45
CA GLN A 80 -8.07 -0.99 27.24
C GLN A 80 -9.40 -0.42 27.72
N ILE A 81 -9.38 0.48 28.70
CA ILE A 81 -10.62 1.15 29.21
C ILE A 81 -11.48 1.66 28.04
N PHE A 82 -10.85 2.19 26.99
CA PHE A 82 -11.60 2.80 25.87
C PHE A 82 -12.36 1.74 25.07
N ASP A 83 -12.05 0.48 25.27
CA ASP A 83 -12.66 -0.62 24.46
C ASP A 83 -13.84 -1.28 25.16
N LEU A 84 -14.00 -1.02 26.45
CA LEU A 84 -15.09 -1.67 27.20
C LEU A 84 -16.43 -1.29 26.57
N PRO A 85 -17.26 -2.28 26.18
CA PRO A 85 -18.53 -1.98 25.54
C PRO A 85 -19.52 -1.24 26.44
N PHE A 86 -20.14 -0.20 25.90
CA PHE A 86 -21.20 0.58 26.60
C PHE A 86 -20.64 1.37 27.79
N LEU A 87 -19.33 1.43 27.93
CA LEU A 87 -18.77 2.28 29.00
C LEU A 87 -19.16 3.75 28.76
N PHE A 88 -18.91 4.23 27.56
CA PHE A 88 -19.17 5.66 27.23
C PHE A 88 -20.48 5.78 26.45
N ASP A 89 -21.37 6.63 26.93
CA ASP A 89 -22.68 6.81 26.27
C ASP A 89 -22.47 7.42 24.89
N ASP A 90 -21.47 8.30 24.79
CA ASP A 90 -21.25 9.00 23.50
C ASP A 90 -19.87 9.63 23.46
N ILE A 91 -19.56 10.34 22.38
CA ILE A 91 -18.20 10.90 22.23
C ILE A 91 -18.01 12.06 23.22
N GLN A 92 -19.10 12.71 23.62
CA GLN A 92 -18.99 13.80 24.63
C GLN A 92 -18.51 13.21 25.98
N ALA A 93 -19.00 12.03 26.32
CA ALA A 93 -18.54 11.36 27.56
C ALA A 93 -17.05 11.00 27.43
N VAL A 94 -16.68 10.38 26.30
CA VAL A 94 -15.26 9.95 26.14
C VAL A 94 -14.38 11.21 26.23
N ASP A 95 -14.81 12.30 25.59
CA ASP A 95 -14.04 13.56 25.58
C ASP A 95 -13.80 14.00 27.02
N ARG A 96 -14.84 13.91 27.84
CA ARG A 96 -14.73 14.31 29.26
C ARG A 96 -13.67 13.44 29.95
N PHE A 97 -13.74 12.12 29.74
CA PHE A 97 -12.75 11.20 30.37
C PHE A 97 -11.34 11.59 29.89
N GLN A 98 -11.19 11.75 28.60
CA GLN A 98 -9.87 12.12 28.01
C GLN A 98 -9.32 13.44 28.62
N ARG A 99 -10.20 14.34 29.03
CA ARG A 99 -9.77 15.66 29.59
C ARG A 99 -9.54 15.57 31.11
N SER A 100 -9.95 14.47 31.72
CA SER A 100 -9.71 14.22 33.16
C SER A 100 -8.20 14.11 33.44
N PRO A 101 -7.75 14.31 34.69
CA PRO A 101 -6.35 14.10 35.01
C PRO A 101 -5.90 12.72 34.57
N GLN A 102 -6.71 11.72 34.87
CA GLN A 102 -6.40 10.32 34.48
C GLN A 102 -6.31 10.19 32.94
N GLY A 103 -7.30 10.74 32.24
CA GLY A 103 -7.31 10.62 30.78
C GLY A 103 -6.09 11.27 30.19
N ARG A 104 -5.72 12.43 30.72
CA ARG A 104 -4.50 13.14 30.24
C ARG A 104 -3.25 12.30 30.53
N ALA A 105 -3.24 11.66 31.70
CA ALA A 105 -2.05 10.87 32.10
C ALA A 105 -1.84 9.71 31.14
N LEU A 106 -2.91 9.21 30.53
CA LEU A 106 -2.81 8.03 29.65
C LEU A 106 -2.00 8.36 28.39
N LEU A 107 -1.91 9.64 28.03
CA LEU A 107 -1.05 10.05 26.89
C LEU A 107 0.43 9.70 27.15
N THR A 108 0.82 9.48 28.41
CA THR A 108 2.23 9.17 28.78
C THR A 108 2.34 7.73 29.28
N SER A 109 1.25 6.96 29.19
CA SER A 109 1.21 5.55 29.67
C SER A 109 2.25 4.67 28.99
N MET A 110 2.72 5.08 27.81
CA MET A 110 3.67 4.25 27.03
C MET A 110 5.04 4.95 26.88
N GLN A 111 5.27 6.02 27.64
CA GLN A 111 6.54 6.80 27.53
C GLN A 111 7.74 5.91 27.87
N GLY A 112 7.56 4.94 28.77
CA GLY A 112 8.62 3.99 29.14
C GLY A 112 9.01 3.05 28.01
N LYS A 113 8.16 2.91 26.99
CA LYS A 113 8.46 2.08 25.80
C LYS A 113 8.90 2.99 24.62
N GLY A 114 8.99 4.29 24.83
CA GLY A 114 9.48 5.22 23.79
C GLY A 114 8.36 5.89 23.01
N ILE A 115 7.13 5.78 23.51
CA ILE A 115 5.94 6.35 22.80
C ILE A 115 5.37 7.53 23.59
N LEU A 116 5.22 8.66 22.92
CA LEU A 116 4.66 9.87 23.55
C LEU A 116 3.33 10.19 22.90
N GLY A 117 2.29 10.31 23.72
CA GLY A 117 0.97 10.73 23.21
C GLY A 117 0.89 12.24 23.16
N LEU A 118 0.40 12.78 22.04
CA LEU A 118 0.36 14.25 21.86
C LEU A 118 -1.08 14.78 21.92
N ALA A 119 -2.04 13.88 21.72
CA ALA A 119 -3.45 14.29 21.66
C ALA A 119 -4.39 13.12 21.45
N TYR A 120 -5.65 13.37 21.75
CA TYR A 120 -6.70 12.38 21.40
C TYR A 120 -7.48 12.96 20.20
N TRP A 121 -7.73 12.14 19.18
CA TRP A 121 -8.60 12.57 18.07
C TRP A 121 -9.84 11.69 18.08
N HIS A 122 -11.00 12.30 17.88
CA HIS A 122 -12.24 11.48 17.84
C HIS A 122 -12.53 10.99 16.44
N ASN A 123 -13.19 9.84 16.35
CA ASN A 123 -13.73 9.39 15.05
C ASN A 123 -15.23 9.31 15.36
N GLY A 124 -15.62 8.29 16.09
CA GLY A 124 -17.03 8.18 16.47
C GLY A 124 -17.38 6.88 17.15
N MET A 125 -18.67 6.72 17.38
CA MET A 125 -19.16 5.50 18.04
C MET A 125 -19.14 4.35 17.04
N LYS A 126 -19.09 3.14 17.58
CA LYS A 126 -19.07 1.95 16.71
C LYS A 126 -20.48 1.38 16.53
N GLN A 127 -20.75 0.89 15.33
CA GLN A 127 -22.02 0.19 15.04
C GLN A 127 -21.67 -1.25 14.69
N LEU A 128 -22.70 -2.07 14.48
CA LEU A 128 -22.49 -3.49 14.11
C LEU A 128 -22.91 -3.71 12.64
N SER A 129 -22.26 -4.68 11.99
CA SER A 129 -22.56 -4.99 10.58
C SER A 129 -22.51 -6.51 10.42
N ALA A 130 -23.31 -7.02 9.50
CA ALA A 130 -23.24 -8.45 9.17
C ALA A 130 -24.07 -8.73 7.90
N ASN A 131 -24.13 -10.00 7.54
CA ASN A 131 -24.88 -10.39 6.31
C ASN A 131 -26.25 -10.95 6.75
N ARG A 132 -26.50 -10.91 8.04
CA ARG A 132 -27.82 -11.29 8.57
C ARG A 132 -28.22 -10.16 9.53
N PRO A 133 -29.53 -9.96 9.81
CA PRO A 133 -29.94 -8.94 10.76
C PRO A 133 -29.43 -9.13 12.17
N LEU A 134 -29.07 -8.01 12.81
CA LEU A 134 -28.63 -8.04 14.23
C LEU A 134 -29.57 -7.15 15.07
N LEU A 135 -30.67 -7.73 15.57
CA LEU A 135 -31.66 -6.92 16.33
C LEU A 135 -31.59 -7.30 17.80
N GLU A 136 -31.40 -8.57 18.07
CA GLU A 136 -31.30 -9.07 19.45
C GLU A 136 -29.92 -9.73 19.64
N PRO A 137 -29.33 -9.65 20.84
CA PRO A 137 -28.01 -10.23 21.07
C PRO A 137 -27.81 -11.69 20.59
N GLU A 138 -28.85 -12.53 20.72
CA GLU A 138 -28.76 -13.94 20.26
C GLU A 138 -28.47 -13.99 18.76
N ASP A 139 -28.79 -12.93 18.04
CA ASP A 139 -28.57 -12.86 16.58
C ASP A 139 -27.08 -12.98 16.23
N ALA A 140 -26.19 -12.71 17.17
CA ALA A 140 -24.74 -12.69 16.86
C ALA A 140 -24.11 -14.07 17.01
N ARG A 141 -24.82 -14.99 17.67
CA ARG A 141 -24.25 -16.34 17.92
C ARG A 141 -23.77 -16.97 16.61
N GLY A 142 -22.58 -17.58 16.64
CA GLY A 142 -22.09 -18.31 15.47
C GLY A 142 -21.44 -17.43 14.44
N LEU A 143 -21.67 -16.13 14.50
CA LEU A 143 -21.10 -15.29 13.43
C LEU A 143 -19.59 -15.13 13.64
N LYS A 144 -18.89 -14.78 12.56
CA LYS A 144 -17.44 -14.52 12.62
C LYS A 144 -17.24 -13.00 12.44
N PHE A 145 -16.78 -12.34 13.49
CA PHE A 145 -16.64 -10.87 13.44
C PHE A 145 -15.19 -10.45 13.35
N ARG A 146 -14.89 -9.58 12.39
CA ARG A 146 -13.55 -8.98 12.33
C ARG A 146 -13.47 -7.97 13.46
N VAL A 147 -12.39 -8.03 14.22
CA VAL A 147 -12.15 -7.00 15.25
C VAL A 147 -10.74 -6.43 15.06
N GLN A 148 -10.52 -5.26 15.63
CA GLN A 148 -9.16 -4.74 15.69
C GLN A 148 -8.33 -5.68 16.58
N ALA A 149 -7.01 -5.61 16.50
CA ALA A 149 -6.13 -6.45 17.35
C ALA A 149 -6.28 -6.04 18.81
N SER A 150 -7.39 -6.42 19.44
CA SER A 150 -7.69 -6.09 20.84
C SER A 150 -8.25 -7.30 21.59
N ASP A 151 -7.67 -7.62 22.74
CA ASP A 151 -8.18 -8.75 23.56
C ASP A 151 -9.58 -8.42 24.07
N VAL A 152 -9.82 -7.15 24.37
CA VAL A 152 -11.17 -6.72 24.88
C VAL A 152 -12.19 -7.02 23.78
N LEU A 153 -11.92 -6.54 22.58
CA LEU A 153 -12.88 -6.70 21.47
C LEU A 153 -13.03 -8.19 21.10
N ASN A 154 -11.93 -8.95 21.19
CA ASN A 154 -12.00 -10.41 20.94
C ASN A 154 -13.00 -11.01 21.94
N GLU A 155 -12.86 -10.68 23.21
CA GLU A 155 -13.75 -11.20 24.28
C GLU A 155 -15.19 -10.68 24.14
N GLN A 156 -15.35 -9.44 23.71
CA GLN A 156 -16.70 -8.86 23.49
C GLN A 156 -17.58 -9.82 22.67
N PHE A 157 -17.04 -10.33 21.56
CA PHE A 157 -17.88 -11.18 20.67
C PHE A 157 -17.89 -12.62 21.22
N ARG A 158 -16.82 -13.00 21.93
CA ARG A 158 -16.80 -14.35 22.56
C ARG A 158 -17.96 -14.42 23.55
N GLN A 159 -18.19 -13.32 24.29
CA GLN A 159 -19.27 -13.28 25.30
C GLN A 159 -20.63 -13.47 24.59
N LEU A 160 -20.74 -13.02 23.35
CA LEU A 160 -22.01 -13.16 22.57
C LEU A 160 -22.06 -14.52 21.86
N ARG A 161 -21.14 -15.43 22.19
CA ARG A 161 -21.09 -16.79 21.59
C ARG A 161 -20.81 -16.66 20.09
N ALA A 162 -20.07 -15.61 19.74
CA ALA A 162 -19.64 -15.49 18.32
C ALA A 162 -18.14 -15.74 18.23
N ILE A 163 -17.65 -15.81 17.00
CA ILE A 163 -16.19 -16.00 16.74
C ILE A 163 -15.56 -14.63 16.40
N SER A 164 -14.44 -14.32 17.05
CA SER A 164 -13.72 -13.06 16.76
C SER A 164 -12.48 -13.34 15.89
N ARG A 165 -12.22 -12.48 14.92
CA ARG A 165 -10.97 -12.60 14.13
C ARG A 165 -10.25 -11.24 14.12
N LYS A 166 -9.13 -11.19 14.82
CA LYS A 166 -8.32 -9.95 14.79
C LYS A 166 -7.75 -9.82 13.38
N MET A 167 -8.04 -8.71 12.71
CA MET A 167 -7.51 -8.51 11.35
C MET A 167 -7.16 -7.02 11.17
N SER A 168 -6.08 -6.79 10.43
CA SER A 168 -5.66 -5.41 10.14
C SER A 168 -6.76 -4.71 9.32
N PHE A 169 -6.96 -3.41 9.54
CA PHE A 169 -8.09 -2.67 8.91
C PHE A 169 -8.11 -2.82 7.41
N ALA A 170 -6.92 -2.83 6.80
CA ALA A 170 -6.86 -2.89 5.33
C ALA A 170 -7.46 -4.20 4.81
N GLU A 171 -7.51 -5.24 5.64
CA GLU A 171 -7.95 -6.56 5.13
C GLU A 171 -9.45 -6.78 5.33
N VAL A 172 -10.16 -5.79 5.86
CA VAL A 172 -11.58 -6.01 6.22
C VAL A 172 -12.44 -6.29 4.96
N TYR A 173 -12.28 -5.48 3.93
CA TYR A 173 -13.19 -5.63 2.78
C TYR A 173 -13.10 -7.04 2.21
N GLN A 174 -11.88 -7.46 1.93
CA GLN A 174 -11.65 -8.79 1.33
C GLN A 174 -12.13 -9.90 2.28
N GLY A 175 -11.86 -9.75 3.57
CA GLY A 175 -12.26 -10.77 4.55
C GLY A 175 -13.76 -11.00 4.51
N LEU A 176 -14.51 -9.92 4.31
CA LEU A 176 -15.98 -10.00 4.30
C LEU A 176 -16.47 -10.51 2.94
N GLN A 177 -15.85 -10.01 1.87
CA GLN A 177 -16.26 -10.43 0.50
C GLN A 177 -16.02 -11.93 0.34
N THR A 178 -14.95 -12.46 0.93
CA THR A 178 -14.55 -13.87 0.78
C THR A 178 -15.12 -14.76 1.87
N GLY A 179 -15.69 -14.19 2.92
CA GLY A 179 -16.36 -15.02 3.96
C GLY A 179 -15.44 -15.46 5.09
N VAL A 180 -14.20 -14.98 5.12
CA VAL A 180 -13.30 -15.27 6.26
C VAL A 180 -14.05 -14.73 7.49
N VAL A 181 -14.67 -13.57 7.32
CA VAL A 181 -15.51 -12.98 8.39
C VAL A 181 -16.91 -12.74 7.77
N ASN A 182 -17.93 -12.69 8.61
CA ASN A 182 -19.33 -12.47 8.16
C ASN A 182 -19.83 -11.11 8.64
N GLY A 183 -19.22 -10.59 9.71
CA GLY A 183 -19.62 -9.29 10.22
C GLY A 183 -18.48 -8.52 10.84
N THR A 184 -18.75 -7.31 11.32
CA THR A 184 -17.72 -6.54 12.04
C THR A 184 -18.36 -5.42 12.84
N GLU A 185 -17.53 -4.51 13.33
CA GLU A 185 -17.99 -3.33 14.08
C GLU A 185 -17.10 -2.16 13.62
N ASN A 186 -17.70 -0.98 13.46
CA ASN A 186 -16.92 0.21 13.08
C ASN A 186 -17.78 1.49 13.07
N THR A 187 -17.12 2.61 12.80
CA THR A 187 -17.82 3.88 12.68
C THR A 187 -18.40 3.98 11.29
N TRP A 188 -19.47 4.77 11.14
CA TRP A 188 -20.03 5.00 9.79
C TRP A 188 -18.92 5.45 8.84
N SER A 189 -18.04 6.36 9.29
CA SER A 189 -16.99 6.87 8.37
C SER A 189 -16.17 5.72 7.79
N ASN A 190 -15.70 4.82 8.66
CA ASN A 190 -14.81 3.74 8.18
C ASN A 190 -15.56 2.81 7.22
N TYR A 191 -16.80 2.52 7.55
CA TYR A 191 -17.60 1.61 6.68
C TYR A 191 -17.74 2.20 5.27
N GLU A 192 -18.23 3.43 5.20
CA GLU A 192 -18.51 4.05 3.87
C GLU A 192 -17.19 4.36 3.14
N SER A 193 -16.23 4.97 3.85
CA SER A 193 -14.94 5.35 3.22
C SER A 193 -14.26 4.13 2.58
N GLN A 194 -14.46 2.93 3.14
CA GLN A 194 -13.79 1.70 2.64
C GLN A 194 -14.81 0.86 1.83
N LYS A 195 -16.00 1.40 1.59
CA LYS A 195 -17.03 0.72 0.76
C LYS A 195 -17.46 -0.61 1.37
N VAL A 196 -17.26 -0.80 2.67
CA VAL A 196 -17.59 -2.11 3.31
C VAL A 196 -19.11 -2.37 3.28
N ASN A 197 -19.95 -1.35 3.12
CA ASN A 197 -21.42 -1.52 2.98
C ASN A 197 -21.74 -2.37 1.75
N GLU A 198 -20.83 -2.41 0.78
CA GLU A 198 -21.01 -3.25 -0.43
C GLU A 198 -20.95 -4.74 -0.07
N VAL A 199 -20.40 -5.05 1.10
CA VAL A 199 -20.22 -6.47 1.52
C VAL A 199 -20.89 -6.71 2.88
N GLN A 200 -21.77 -5.78 3.26
CA GLN A 200 -22.55 -5.94 4.52
C GLN A 200 -23.96 -5.42 4.24
N LYS A 201 -24.94 -6.32 4.21
CA LYS A 201 -26.35 -5.96 3.90
C LYS A 201 -27.06 -5.40 5.12
N TYR A 202 -26.57 -5.71 6.31
CA TYR A 202 -27.30 -5.29 7.52
C TYR A 202 -26.39 -4.52 8.47
N PHE A 203 -26.87 -3.36 8.90
CA PHE A 203 -26.14 -2.56 9.90
C PHE A 203 -27.08 -2.34 11.08
N THR A 204 -26.54 -2.32 12.28
CA THR A 204 -27.33 -2.00 13.47
C THR A 204 -26.66 -0.83 14.19
N GLU A 205 -27.37 0.30 14.32
CA GLU A 205 -26.86 1.48 15.05
C GLU A 205 -26.93 1.15 16.54
N SER A 206 -25.84 0.66 17.09
CA SER A 206 -25.82 0.15 18.47
C SER A 206 -25.07 1.11 19.38
N ASN A 207 -24.16 1.90 18.80
CA ASN A 207 -23.30 2.79 19.64
C ASN A 207 -22.78 1.96 20.84
N HIS A 208 -22.27 0.76 20.59
CA HIS A 208 -21.85 -0.17 21.68
C HIS A 208 -20.40 0.10 22.08
N GLY A 209 -19.77 0.99 21.35
CA GLY A 209 -18.38 1.35 21.67
C GLY A 209 -17.96 2.52 20.81
N LEU A 210 -16.65 2.67 20.65
CA LEU A 210 -16.14 3.82 19.88
C LEU A 210 -14.79 3.56 19.21
N VAL A 211 -14.50 4.36 18.20
CA VAL A 211 -13.14 4.37 17.58
C VAL A 211 -12.59 5.79 17.82
N ASP A 212 -11.60 5.92 18.70
CA ASP A 212 -10.90 7.19 18.95
C ASP A 212 -9.40 6.91 18.79
N TYR A 213 -8.61 7.97 18.66
CA TYR A 213 -7.18 7.79 18.37
C TYR A 213 -6.28 8.51 19.34
N MET A 214 -5.09 7.97 19.51
CA MET A 214 -4.09 8.73 20.29
C MET A 214 -2.99 9.13 19.30
N VAL A 215 -2.88 10.44 19.10
CA VAL A 215 -1.77 10.94 18.26
C VAL A 215 -0.48 10.66 19.04
N ILE A 216 0.44 9.93 18.39
CA ILE A 216 1.67 9.54 19.11
C ILE A 216 2.92 9.81 18.25
N THR A 217 4.06 9.90 18.92
CA THR A 217 5.33 10.08 18.23
C THR A 217 6.41 9.29 18.98
N ASN A 218 7.59 9.23 18.40
CA ASN A 218 8.76 8.56 19.04
C ASN A 218 9.34 9.55 20.05
N ALA A 219 9.29 9.21 21.34
CA ALA A 219 9.74 10.12 22.41
C ALA A 219 11.15 10.69 22.16
N LYS A 220 12.03 9.89 21.56
CA LYS A 220 13.42 10.35 21.29
C LYS A 220 13.40 11.43 20.19
N PHE A 221 12.66 11.18 19.11
CA PHE A 221 12.55 12.19 18.01
C PHE A 221 11.97 13.49 18.54
N TRP A 222 10.85 13.37 19.24
CA TRP A 222 10.13 14.57 19.71
C TRP A 222 10.95 15.33 20.75
N ASN A 223 11.55 14.59 21.67
CA ASN A 223 12.30 15.24 22.77
C ASN A 223 13.61 15.79 22.23
N GLY A 224 14.00 15.39 21.02
CA GLY A 224 15.25 15.84 20.42
C GLY A 224 15.03 17.06 19.56
N LEU A 225 13.77 17.43 19.36
CA LEU A 225 13.45 18.62 18.54
C LEU A 225 13.90 19.90 19.25
N PRO A 226 14.23 20.97 18.50
CA PRO A 226 14.45 22.26 19.14
C PRO A 226 13.18 22.63 19.92
N ALA A 227 13.32 23.16 21.12
CA ALA A 227 12.15 23.47 21.97
C ALA A 227 11.13 24.36 21.26
N ASP A 228 11.60 25.40 20.59
CA ASP A 228 10.66 26.35 19.93
C ASP A 228 9.83 25.59 18.89
N ILE A 229 10.49 24.75 18.10
CA ILE A 229 9.80 23.94 17.06
C ILE A 229 8.78 22.99 17.72
N ARG A 230 9.22 22.25 18.74
CA ARG A 230 8.33 21.28 19.41
C ARG A 230 7.07 22.01 19.91
N GLU A 231 7.27 23.10 20.63
CA GLU A 231 6.10 23.81 21.21
C GLU A 231 5.19 24.32 20.08
N GLU A 232 5.78 24.80 19.01
CA GLU A 232 4.96 25.30 17.87
C GLU A 232 4.18 24.13 17.27
N LEU A 233 4.84 23.00 17.07
CA LEU A 233 4.15 21.82 16.50
C LEU A 233 3.01 21.38 17.44
N GLN A 234 3.25 21.45 18.74
CA GLN A 234 2.21 21.09 19.73
C GLN A 234 1.01 22.06 19.61
N ARG A 235 1.28 23.35 19.48
CA ARG A 235 0.19 24.35 19.33
C ARG A 235 -0.62 24.04 18.06
N ILE A 236 0.07 23.75 16.97
CA ILE A 236 -0.60 23.39 15.70
C ILE A 236 -1.44 22.12 15.91
N MET A 237 -0.84 21.13 16.55
CA MET A 237 -1.56 19.86 16.84
C MET A 237 -2.85 20.18 17.61
N ASP A 238 -2.74 21.05 18.61
CA ASP A 238 -3.92 21.48 19.40
C ASP A 238 -5.01 22.07 18.48
N GLU A 239 -4.60 22.91 17.54
CA GLU A 239 -5.58 23.48 16.58
C GLU A 239 -6.16 22.36 15.70
N VAL A 240 -5.30 21.44 15.26
CA VAL A 240 -5.77 20.35 14.34
C VAL A 240 -6.77 19.45 15.11
N THR A 241 -6.47 19.18 16.36
CA THR A 241 -7.36 18.34 17.18
C THR A 241 -8.78 18.89 17.16
N VAL A 242 -8.92 20.19 17.39
CA VAL A 242 -10.28 20.85 17.37
C VAL A 242 -10.94 20.57 16.02
N GLN A 243 -10.20 20.76 14.94
CA GLN A 243 -10.78 20.58 13.59
C GLN A 243 -11.24 19.14 13.38
N VAL A 244 -10.40 18.17 13.72
CA VAL A 244 -10.76 16.73 13.57
C VAL A 244 -12.02 16.47 14.37
N ASN A 245 -12.01 16.91 15.61
CA ASN A 245 -13.14 16.58 16.52
C ASN A 245 -14.46 17.15 15.99
N LEU A 246 -14.40 18.28 15.31
CA LEU A 246 -15.61 18.90 14.76
C LEU A 246 -16.02 18.17 13.48
N GLU A 247 -15.06 17.89 12.61
CA GLU A 247 -15.38 17.23 11.33
C GLU A 247 -15.86 15.80 11.59
N ALA A 248 -15.34 15.16 12.63
CA ALA A 248 -15.66 13.74 12.86
C ALA A 248 -17.17 13.50 12.91
N GLU A 249 -17.88 14.33 13.68
CA GLU A 249 -19.33 14.08 13.87
C GLU A 249 -20.08 14.22 12.55
N ARG A 250 -19.65 15.17 11.71
CA ARG A 250 -20.42 15.46 10.48
C ARG A 250 -20.08 14.44 9.39
N LEU A 251 -18.82 14.06 9.28
CA LEU A 251 -18.41 13.04 8.29
C LEU A 251 -19.10 11.70 8.61
N ASN A 252 -19.21 11.37 9.89
CA ASN A 252 -19.93 10.13 10.29
C ASN A 252 -21.42 10.24 9.92
N ARG A 253 -22.01 11.44 10.09
CA ARG A 253 -23.44 11.63 9.72
C ARG A 253 -23.59 11.45 8.20
N ASP A 254 -22.72 12.07 7.43
CA ASP A 254 -22.76 11.94 5.95
C ASP A 254 -22.57 10.47 5.54
N ALA A 255 -21.65 9.77 6.22
CA ALA A 255 -21.35 8.36 5.89
C ALA A 255 -22.60 7.48 6.06
N ARG A 256 -23.32 7.70 7.15
CA ARG A 256 -24.54 6.91 7.42
C ARG A 256 -25.56 7.20 6.31
N GLN A 257 -25.64 8.46 5.88
CA GLN A 257 -26.69 8.83 4.90
C GLN A 257 -26.35 8.18 3.55
N ARG A 258 -25.07 8.14 3.20
CA ARG A 258 -24.66 7.53 1.91
C ARG A 258 -24.88 6.02 1.95
N ILE A 259 -24.69 5.40 3.10
CA ILE A 259 -24.94 3.94 3.23
C ILE A 259 -26.44 3.69 3.06
N LEU A 260 -27.26 4.43 3.79
CA LEU A 260 -28.73 4.28 3.69
C LEU A 260 -29.17 4.54 2.23
N ALA A 261 -28.61 5.55 1.57
CA ALA A 261 -29.00 5.90 0.19
C ALA A 261 -28.66 4.74 -0.75
N SER A 262 -27.61 3.98 -0.42
CA SER A 262 -27.14 2.90 -1.33
C SER A 262 -28.28 1.96 -1.72
N GLY A 263 -29.19 1.67 -0.78
CA GLY A 263 -30.28 0.71 -1.04
C GLY A 263 -29.79 -0.73 -0.97
N ALA A 264 -28.48 -0.96 -0.88
CA ALA A 264 -27.91 -2.33 -0.88
C ALA A 264 -27.61 -2.77 0.56
N SER A 265 -27.91 -1.89 1.51
CA SER A 265 -27.69 -2.21 2.93
C SER A 265 -28.81 -1.55 3.74
N GLU A 266 -29.23 -2.21 4.81
CA GLU A 266 -30.26 -1.63 5.68
C GLU A 266 -29.65 -1.30 7.04
N ILE A 267 -30.24 -0.32 7.71
CA ILE A 267 -29.76 0.02 9.06
C ILE A 267 -30.93 -0.13 10.03
N HIS A 268 -30.75 -0.93 11.07
CA HIS A 268 -31.76 -0.99 12.16
C HIS A 268 -31.20 -0.18 13.32
N THR A 269 -32.01 0.73 13.86
CA THR A 269 -31.57 1.49 15.05
C THR A 269 -32.15 0.81 16.25
N LEU A 270 -31.32 0.58 17.25
CA LEU A 270 -31.80 -0.17 18.43
C LEU A 270 -32.70 0.73 19.29
N SER A 271 -33.76 0.17 19.85
CA SER A 271 -34.60 0.90 20.84
C SER A 271 -33.82 1.01 22.15
N PRO A 272 -34.17 1.94 23.07
CA PRO A 272 -33.53 1.98 24.36
C PRO A 272 -33.52 0.64 25.07
N GLN A 273 -34.62 -0.08 24.94
CA GLN A 273 -34.76 -1.37 25.64
C GLN A 273 -33.84 -2.40 24.97
N GLN A 274 -33.82 -2.42 23.64
CA GLN A 274 -32.94 -3.36 22.92
C GLN A 274 -31.49 -3.04 23.30
N ARG A 275 -31.11 -1.75 23.25
CA ARG A 275 -29.74 -1.34 23.64
C ARG A 275 -29.39 -1.94 25.02
N ALA A 276 -30.30 -1.79 25.99
CA ALA A 276 -30.06 -2.30 27.35
C ALA A 276 -29.84 -3.80 27.37
N ASP A 277 -30.53 -4.53 26.51
CA ASP A 277 -30.42 -6.01 26.48
C ASP A 277 -29.05 -6.39 25.87
N TRP A 278 -28.65 -5.67 24.83
CA TRP A 278 -27.30 -5.87 24.24
C TRP A 278 -26.22 -5.53 25.29
N ARG A 279 -26.40 -4.45 26.02
CA ARG A 279 -25.45 -4.07 27.09
C ARG A 279 -25.42 -5.17 28.16
N GLN A 280 -26.59 -5.57 28.65
CA GLN A 280 -26.65 -6.67 29.66
C GLN A 280 -25.89 -7.90 29.15
N ALA A 281 -25.90 -8.13 27.84
CA ALA A 281 -25.27 -9.36 27.30
C ALA A 281 -23.77 -9.19 27.13
N MET A 282 -23.32 -7.96 26.88
CA MET A 282 -21.88 -7.75 26.58
C MET A 282 -21.11 -7.28 27.82
N GLN A 283 -21.73 -6.48 28.67
CA GLN A 283 -21.01 -5.89 29.84
C GLN A 283 -20.31 -6.96 30.70
N PRO A 284 -20.75 -8.23 30.81
CA PRO A 284 -19.96 -9.22 31.54
C PRO A 284 -18.47 -9.29 31.17
N VAL A 285 -18.11 -8.86 29.96
CA VAL A 285 -16.68 -8.83 29.51
C VAL A 285 -15.83 -7.89 30.38
N TRP A 286 -16.46 -6.89 30.98
CA TRP A 286 -15.70 -5.90 31.79
C TRP A 286 -14.92 -6.60 32.91
N GLN A 287 -15.49 -7.66 33.47
CA GLN A 287 -14.86 -8.32 34.65
C GLN A 287 -13.49 -8.89 34.28
N LYS A 288 -13.32 -9.25 33.02
CA LYS A 288 -12.04 -9.85 32.58
C LYS A 288 -10.93 -8.80 32.55
N PHE A 289 -11.26 -7.51 32.47
CA PHE A 289 -10.21 -6.46 32.29
C PHE A 289 -10.18 -5.46 33.45
N ARG A 290 -11.11 -5.60 34.39
CA ARG A 290 -11.22 -4.62 35.50
C ARG A 290 -9.90 -4.50 36.27
N GLY A 291 -9.22 -5.60 36.45
CA GLY A 291 -7.95 -5.57 37.21
C GLY A 291 -6.89 -4.82 36.45
N ASN A 292 -6.85 -4.97 35.13
CA ASN A 292 -5.87 -4.22 34.29
C ASN A 292 -6.14 -2.72 34.33
N VAL A 293 -7.41 -2.32 34.22
CA VAL A 293 -7.69 -0.86 34.11
C VAL A 293 -7.75 -0.25 35.53
N GLY A 294 -8.39 -0.95 36.46
CA GLY A 294 -8.41 -0.45 37.85
C GLY A 294 -9.71 0.24 38.20
N ALA A 295 -10.05 0.24 39.48
CA ALA A 295 -11.32 0.85 39.92
C ALA A 295 -11.37 2.34 39.60
N ASP A 296 -10.26 3.06 39.79
CA ASP A 296 -10.26 4.53 39.64
C ASP A 296 -10.57 4.94 38.19
N LEU A 297 -9.91 4.32 37.24
CA LEU A 297 -10.15 4.66 35.82
C LEU A 297 -11.61 4.32 35.46
N LEU A 298 -12.06 3.17 35.93
CA LEU A 298 -13.44 2.74 35.63
C LEU A 298 -14.42 3.74 36.29
N GLN A 299 -14.14 4.13 37.52
CA GLN A 299 -14.98 5.17 38.19
C GLN A 299 -14.98 6.48 37.37
N ALA A 300 -13.80 6.93 36.98
CA ALA A 300 -13.69 8.19 36.21
C ALA A 300 -14.42 8.07 34.87
N ALA A 301 -14.32 6.92 34.23
CA ALA A 301 -14.97 6.74 32.91
C ALA A 301 -16.49 6.74 33.08
N GLU A 302 -16.98 5.99 34.07
CA GLU A 302 -18.43 5.98 34.36
C GLU A 302 -18.91 7.40 34.74
N ALA A 303 -18.10 8.15 35.47
CA ALA A 303 -18.48 9.52 35.90
C ALA A 303 -18.56 10.46 34.69
N SER A 304 -17.91 10.08 33.60
CA SER A 304 -17.85 10.93 32.39
C SER A 304 -19.21 10.97 31.68
N ASN A 305 -20.12 10.08 32.07
CA ASN A 305 -21.45 9.97 31.43
C ASN A 305 -22.36 11.00 32.09
N ARG A 306 -21.92 11.51 33.23
CA ARG A 306 -22.67 12.59 33.89
C ARG A 306 -21.98 13.88 33.48
N PRO A 307 -22.65 14.76 32.72
CA PRO A 307 -22.07 16.05 32.43
C PRO A 307 -21.91 16.70 33.78
N PRO B 3 33.38 12.23 -1.20
CA PRO B 3 32.07 12.15 -1.85
C PRO B 3 31.55 10.71 -1.95
N ILE B 4 30.30 10.50 -1.56
CA ILE B 4 29.70 9.14 -1.73
C ILE B 4 29.29 8.98 -3.19
N VAL B 5 29.72 7.88 -3.81
CA VAL B 5 29.44 7.63 -5.24
C VAL B 5 28.26 6.66 -5.42
N ILE B 6 27.30 7.05 -6.26
CA ILE B 6 26.18 6.15 -6.61
C ILE B 6 26.20 5.97 -8.13
N LYS B 7 26.71 4.84 -8.59
CA LYS B 7 26.64 4.53 -10.02
C LYS B 7 25.27 3.88 -10.25
N PHE B 8 24.51 4.43 -11.18
CA PHE B 8 23.17 3.91 -11.50
C PHE B 8 23.25 3.40 -12.92
N SER B 9 23.18 2.08 -13.06
CA SER B 9 23.30 1.45 -14.39
C SER B 9 21.93 0.93 -14.85
N HIS B 10 21.69 1.01 -16.15
CA HIS B 10 20.45 0.41 -16.69
C HIS B 10 20.67 0.04 -18.17
N VAL B 11 19.71 -0.68 -18.72
CA VAL B 11 19.86 -1.23 -20.10
C VAL B 11 18.99 -0.47 -21.13
N VAL B 12 18.27 0.55 -20.69
CA VAL B 12 17.32 1.21 -21.62
C VAL B 12 17.93 2.50 -22.21
N ALA B 13 17.30 3.01 -23.26
CA ALA B 13 17.74 4.30 -23.83
C ALA B 13 17.45 5.45 -22.84
N GLU B 14 18.04 6.59 -23.12
CA GLU B 14 17.85 7.76 -22.23
C GLU B 14 16.43 8.31 -22.37
N ASN B 15 15.88 8.26 -23.58
CA ASN B 15 14.55 8.85 -23.86
C ASN B 15 13.44 7.87 -23.46
N THR B 16 13.48 7.41 -22.22
CA THR B 16 12.53 6.38 -21.77
C THR B 16 12.14 6.72 -20.35
N PRO B 17 11.06 6.14 -19.81
CA PRO B 17 10.74 6.38 -18.41
C PRO B 17 11.93 6.16 -17.44
N LYS B 18 12.61 5.01 -17.56
CA LYS B 18 13.71 4.68 -16.62
C LYS B 18 14.93 5.58 -16.92
N GLY B 19 15.22 5.77 -18.19
CA GLY B 19 16.36 6.64 -18.55
C GLY B 19 16.21 8.05 -17.99
N GLN B 20 15.02 8.62 -18.12
CA GLN B 20 14.74 9.97 -17.59
C GLN B 20 14.78 9.95 -16.05
N GLY B 21 14.21 8.91 -15.44
CA GLY B 21 14.23 8.82 -13.98
C GLY B 21 15.64 8.84 -13.41
N ALA B 22 16.53 8.01 -13.95
CA ALA B 22 17.93 7.96 -13.48
C ALA B 22 18.55 9.35 -13.58
N LEU B 23 18.37 9.99 -14.72
CA LEU B 23 18.96 11.33 -14.94
C LEU B 23 18.40 12.35 -13.94
N LEU B 24 17.09 12.30 -13.70
CA LEU B 24 16.46 13.22 -12.73
C LEU B 24 17.03 12.96 -11.32
N PHE B 25 17.12 11.69 -10.94
CA PHE B 25 17.68 11.35 -9.61
C PHE B 25 19.08 12.00 -9.48
N LYS B 26 19.90 11.81 -10.50
CA LYS B 26 21.24 12.45 -10.49
C LYS B 26 21.07 13.97 -10.27
N LYS B 27 20.20 14.61 -11.07
CA LYS B 27 20.07 16.09 -10.99
C LYS B 27 19.63 16.54 -9.59
N LEU B 28 18.60 15.91 -9.06
CA LEU B 28 18.07 16.37 -7.75
C LEU B 28 19.09 16.09 -6.63
N VAL B 29 19.74 14.93 -6.69
CA VAL B 29 20.73 14.59 -5.63
C VAL B 29 21.83 15.65 -5.66
N GLU B 30 22.30 16.01 -6.84
CA GLU B 30 23.43 16.96 -6.93
C GLU B 30 22.98 18.39 -6.59
N GLN B 31 21.69 18.69 -6.70
CA GLN B 31 21.23 20.04 -6.31
C GLN B 31 20.98 20.10 -4.80
N ARG B 32 20.69 18.96 -4.18
CA ARG B 32 20.27 19.00 -2.77
C ARG B 32 21.31 18.44 -1.79
N LEU B 33 22.23 17.59 -2.23
CA LEU B 33 23.15 16.96 -1.24
C LEU B 33 24.51 17.71 -1.18
N GLY B 34 24.64 18.84 -1.88
CA GLY B 34 25.85 19.69 -1.81
C GLY B 34 27.15 18.96 -2.02
N GLY B 35 27.27 18.21 -3.11
CA GLY B 35 28.53 17.50 -3.42
C GLY B 35 28.85 16.35 -2.47
N ARG B 36 28.05 16.15 -1.43
CA ARG B 36 28.26 15.00 -0.52
C ARG B 36 28.01 13.67 -1.24
N VAL B 37 27.23 13.72 -2.30
CA VAL B 37 26.89 12.48 -3.05
C VAL B 37 26.99 12.77 -4.54
N GLU B 38 27.61 11.85 -5.27
CA GLU B 38 27.63 11.96 -6.74
C GLU B 38 26.83 10.79 -7.33
N VAL B 39 26.15 11.06 -8.42
CA VAL B 39 25.40 9.99 -9.13
C VAL B 39 25.92 9.94 -10.56
N ASP B 40 26.47 8.78 -10.94
CA ASP B 40 26.94 8.58 -12.33
C ASP B 40 25.93 7.66 -13.00
N VAL B 41 25.34 8.14 -14.09
CA VAL B 41 24.28 7.35 -14.79
C VAL B 41 24.86 6.66 -16.04
N TYR B 42 24.60 5.36 -16.18
CA TYR B 42 25.12 4.56 -17.32
C TYR B 42 23.95 3.88 -18.00
N PRO B 43 23.47 4.46 -19.11
CA PRO B 43 22.36 3.88 -19.83
C PRO B 43 22.72 2.88 -20.90
N ASN B 44 21.71 2.26 -21.50
CA ASN B 44 21.89 1.36 -22.65
C ASN B 44 22.99 0.31 -22.42
N SER B 45 23.09 -0.24 -21.21
CA SER B 45 24.05 -1.35 -20.96
C SER B 45 25.50 -0.89 -21.14
N SER B 46 25.73 0.42 -21.11
CA SER B 46 27.08 1.01 -21.27
C SER B 46 28.05 0.46 -20.23
N LEU B 47 27.59 0.27 -18.99
CA LEU B 47 28.47 -0.22 -17.91
C LEU B 47 28.20 -1.72 -17.74
N PHE B 48 26.96 -2.05 -17.39
CA PHE B 48 26.56 -3.47 -17.25
C PHE B 48 25.21 -3.73 -17.90
N GLY B 49 25.09 -4.92 -18.46
CA GLY B 49 23.83 -5.30 -19.07
C GLY B 49 23.06 -6.27 -18.20
N ASP B 50 22.05 -6.89 -18.79
CA ASP B 50 21.18 -7.83 -18.05
C ASP B 50 22.03 -8.88 -17.32
N GLY B 51 21.61 -9.25 -16.11
CA GLY B 51 22.31 -10.28 -15.34
C GLY B 51 23.56 -9.74 -14.70
N LYS B 52 24.55 -9.37 -15.52
CA LYS B 52 25.83 -8.83 -15.01
C LYS B 52 25.58 -7.67 -14.04
N GLU B 53 24.61 -6.80 -14.35
CA GLU B 53 24.28 -5.65 -13.47
C GLU B 53 24.04 -6.12 -12.02
N MET B 54 23.34 -7.23 -11.85
CA MET B 54 23.01 -7.74 -10.49
C MET B 54 24.26 -8.30 -9.79
N GLU B 55 25.11 -8.97 -10.55
CA GLU B 55 26.37 -9.48 -9.98
C GLU B 55 27.19 -8.26 -9.49
N ALA B 56 27.26 -7.23 -10.32
CA ALA B 56 28.05 -6.02 -9.95
C ALA B 56 27.46 -5.33 -8.71
N LEU B 57 26.13 -5.31 -8.61
CA LEU B 57 25.49 -4.67 -7.44
C LEU B 57 25.87 -5.46 -6.17
N LEU B 58 25.80 -6.78 -6.27
CA LEU B 58 26.12 -7.63 -5.10
C LEU B 58 27.60 -7.47 -4.73
N LEU B 59 28.46 -7.28 -5.72
CA LEU B 59 29.92 -7.15 -5.47
C LEU B 59 30.29 -5.72 -5.07
N GLY B 60 29.46 -4.74 -5.42
CA GLY B 60 29.72 -3.33 -5.08
C GLY B 60 30.38 -2.55 -6.18
N ASP B 61 30.27 -3.02 -7.43
CA ASP B 61 30.82 -2.30 -8.60
C ASP B 61 29.76 -1.37 -9.17
N VAL B 62 28.55 -1.44 -8.64
CA VAL B 62 27.44 -0.52 -9.01
C VAL B 62 26.59 -0.38 -7.73
N GLN B 63 25.86 0.72 -7.58
CA GLN B 63 25.16 0.98 -6.30
C GLN B 63 23.65 1.11 -6.50
N MET B 64 23.22 1.34 -7.73
CA MET B 64 21.77 1.42 -7.98
C MET B 64 21.37 0.83 -9.32
N LEU B 65 20.28 0.07 -9.30
CA LEU B 65 19.72 -0.49 -10.55
C LEU B 65 18.19 -0.33 -10.53
N ALA B 66 17.56 -0.59 -11.66
CA ALA B 66 16.08 -0.61 -11.71
C ALA B 66 15.66 -1.68 -12.72
N PRO B 67 15.95 -2.98 -12.44
CA PRO B 67 15.62 -4.04 -13.36
C PRO B 67 14.14 -4.37 -13.48
N SER B 68 13.75 -4.88 -14.65
CA SER B 68 12.37 -5.37 -14.83
C SER B 68 12.07 -6.40 -13.74
N LEU B 69 10.82 -6.46 -13.32
CA LEU B 69 10.40 -7.41 -12.26
C LEU B 69 10.47 -8.86 -12.76
N ALA B 70 10.70 -9.06 -14.05
CA ALA B 70 10.82 -10.41 -14.66
C ALA B 70 12.22 -10.98 -14.43
N LYS B 71 13.11 -10.21 -13.81
CA LYS B 71 14.53 -10.64 -13.75
C LYS B 71 15.05 -10.91 -12.32
N PHE B 72 14.17 -11.34 -11.43
CA PHE B 72 14.57 -11.58 -10.02
C PHE B 72 14.38 -13.07 -9.63
N GLU B 73 14.18 -13.95 -10.51
N GLU B 73 14.17 -13.95 -10.50
CA GLU B 73 13.85 -15.36 -10.13
CA GLU B 73 13.85 -15.36 -10.14
C GLU B 73 15.01 -16.06 -9.41
C GLU B 73 15.00 -15.99 -9.33
N GLN B 74 16.24 -15.56 -9.57
CA GLN B 74 17.40 -16.16 -8.87
C GLN B 74 17.46 -15.66 -7.41
N TYR B 75 16.67 -14.65 -7.05
CA TYR B 75 16.73 -14.05 -5.69
C TYR B 75 15.44 -14.35 -4.91
N THR B 76 14.31 -14.37 -5.59
CA THR B 76 13.03 -14.76 -4.97
C THR B 76 12.15 -15.31 -6.05
N ARG B 77 11.16 -16.11 -5.67
CA ARG B 77 10.18 -16.62 -6.64
C ARG B 77 8.86 -15.87 -6.49
N LYS B 78 8.82 -14.91 -5.56
CA LYS B 78 7.53 -14.20 -5.30
C LYS B 78 7.30 -13.09 -6.36
N VAL B 79 8.34 -12.39 -6.79
CA VAL B 79 8.21 -11.26 -7.77
C VAL B 79 7.82 -11.79 -9.16
N GLN B 80 7.91 -13.10 -9.38
CA GLN B 80 7.45 -13.74 -10.65
C GLN B 80 5.98 -13.45 -10.92
N ILE B 81 5.23 -13.07 -9.89
CA ILE B 81 3.78 -12.75 -10.03
C ILE B 81 3.59 -11.70 -11.12
N PHE B 82 4.55 -10.78 -11.24
CA PHE B 82 4.39 -9.65 -12.20
C PHE B 82 4.46 -10.14 -13.64
N ASP B 83 4.93 -11.37 -13.84
CA ASP B 83 5.09 -11.92 -15.21
C ASP B 83 3.84 -12.71 -15.64
N LEU B 84 2.99 -13.08 -14.68
CA LEU B 84 1.86 -13.95 -15.06
C LEU B 84 1.00 -13.23 -16.13
N PRO B 85 0.78 -13.87 -17.31
CA PRO B 85 -0.02 -13.25 -18.36
C PRO B 85 -1.46 -12.86 -18.01
N PHE B 86 -1.86 -11.64 -18.35
CA PHE B 86 -3.25 -11.13 -18.17
C PHE B 86 -3.67 -10.96 -16.68
N LEU B 87 -2.74 -11.05 -15.73
CA LEU B 87 -3.11 -10.92 -14.29
C LEU B 87 -3.62 -9.51 -14.01
N PHE B 88 -3.01 -8.52 -14.67
CA PHE B 88 -3.37 -7.10 -14.43
C PHE B 88 -3.95 -6.52 -15.70
N ASP B 89 -5.11 -5.89 -15.57
CA ASP B 89 -5.80 -5.31 -16.75
C ASP B 89 -5.00 -4.11 -17.28
N ASP B 90 -4.36 -3.36 -16.39
CA ASP B 90 -3.62 -2.15 -16.80
C ASP B 90 -2.65 -1.67 -15.71
N ILE B 91 -1.84 -0.68 -16.01
CA ILE B 91 -0.83 -0.16 -15.04
C ILE B 91 -1.50 0.36 -13.77
N GLN B 92 -2.72 0.89 -13.88
CA GLN B 92 -3.45 1.41 -12.69
C GLN B 92 -3.63 0.26 -11.70
N ALA B 93 -3.99 -0.91 -12.21
CA ALA B 93 -4.11 -2.10 -11.36
C ALA B 93 -2.77 -2.49 -10.74
N VAL B 94 -1.72 -2.60 -11.58
CA VAL B 94 -0.38 -2.99 -11.10
C VAL B 94 0.01 -1.99 -10.00
N ASP B 95 -0.33 -0.73 -10.22
CA ASP B 95 0.05 0.31 -9.26
C ASP B 95 -0.64 0.05 -7.91
N ARG B 96 -1.89 -0.39 -7.94
CA ARG B 96 -2.65 -0.63 -6.69
C ARG B 96 -2.04 -1.82 -5.96
N PHE B 97 -1.74 -2.89 -6.70
CA PHE B 97 -1.08 -4.07 -6.09
C PHE B 97 0.26 -3.64 -5.46
N GLN B 98 1.06 -2.87 -6.20
CA GLN B 98 2.39 -2.46 -5.72
C GLN B 98 2.24 -1.61 -4.44
N ARG B 99 1.14 -0.87 -4.35
CA ARG B 99 0.93 0.03 -3.18
C ARG B 99 0.30 -0.76 -2.04
N SER B 100 -0.33 -1.87 -2.37
CA SER B 100 -0.86 -2.78 -1.32
C SER B 100 0.24 -3.18 -0.34
N PRO B 101 -0.09 -3.45 0.95
CA PRO B 101 0.91 -3.93 1.89
C PRO B 101 1.68 -5.16 1.36
N GLN B 102 0.97 -6.08 0.71
CA GLN B 102 1.60 -7.27 0.10
C GLN B 102 2.61 -6.88 -0.98
N GLY B 103 2.23 -5.95 -1.85
CA GLY B 103 3.13 -5.56 -2.94
C GLY B 103 4.32 -4.79 -2.39
N ARG B 104 4.08 -3.89 -1.46
CA ARG B 104 5.17 -3.11 -0.84
C ARG B 104 6.15 -4.06 -0.13
N ALA B 105 5.62 -5.14 0.44
CA ALA B 105 6.45 -6.15 1.14
C ALA B 105 7.51 -6.75 0.19
N LEU B 106 7.16 -6.89 -1.09
CA LEU B 106 8.11 -7.51 -2.05
C LEU B 106 9.42 -6.70 -2.14
N LEU B 107 9.39 -5.42 -1.78
CA LEU B 107 10.59 -4.56 -1.91
C LEU B 107 11.73 -5.07 -0.99
N THR B 108 11.38 -5.81 0.06
CA THR B 108 12.38 -6.36 1.01
C THR B 108 12.45 -7.87 0.89
N SER B 109 11.84 -8.44 -0.16
CA SER B 109 11.80 -9.91 -0.39
C SER B 109 13.19 -10.51 -0.61
N MET B 110 14.17 -9.69 -0.95
CA MET B 110 15.51 -10.19 -1.33
C MET B 110 16.59 -9.64 -0.38
N GLN B 111 16.16 -8.99 0.71
CA GLN B 111 17.10 -8.41 1.70
C GLN B 111 18.08 -9.47 2.21
N GLY B 112 17.63 -10.72 2.31
CA GLY B 112 18.49 -11.83 2.80
C GLY B 112 19.58 -12.15 1.80
N LYS B 113 19.39 -11.77 0.54
CA LYS B 113 20.44 -11.96 -0.49
C LYS B 113 21.23 -10.66 -0.73
N GLY B 114 20.98 -9.62 0.06
CA GLY B 114 21.79 -8.38 -0.04
C GLY B 114 21.17 -7.30 -0.92
N ILE B 115 19.94 -7.50 -1.36
CA ILE B 115 19.27 -6.55 -2.30
C ILE B 115 18.13 -5.80 -1.59
N LEU B 116 18.12 -4.47 -1.71
CA LEU B 116 17.05 -3.66 -1.09
C LEU B 116 16.26 -2.95 -2.18
N GLY B 117 14.96 -3.20 -2.24
CA GLY B 117 14.10 -2.42 -3.14
C GLY B 117 13.71 -1.08 -2.53
N LEU B 118 13.86 0.00 -3.29
CA LEU B 118 13.56 1.37 -2.80
C LEU B 118 12.23 1.88 -3.36
N ALA B 119 11.80 1.32 -4.49
CA ALA B 119 10.59 1.82 -5.17
C ALA B 119 10.21 0.99 -6.38
N TYR B 120 8.98 1.16 -6.82
CA TYR B 120 8.53 0.57 -8.08
C TYR B 120 8.43 1.70 -9.08
N TRP B 121 8.98 1.50 -10.27
CA TRP B 121 8.85 2.49 -11.37
C TRP B 121 8.12 1.80 -12.50
N HIS B 122 7.18 2.50 -13.10
CA HIS B 122 6.38 1.92 -14.20
C HIS B 122 7.05 2.13 -15.56
N ASN B 123 6.81 1.20 -16.50
CA ASN B 123 7.18 1.48 -17.90
C ASN B 123 5.84 1.44 -18.64
N GLY B 124 5.32 0.24 -18.83
CA GLY B 124 4.01 0.09 -19.48
C GLY B 124 3.60 -1.34 -19.68
N MET B 125 2.47 -1.52 -20.34
CA MET B 125 2.01 -2.89 -20.68
C MET B 125 2.85 -3.43 -21.84
N LYS B 126 2.83 -4.74 -21.97
CA LYS B 126 3.58 -5.38 -23.07
C LYS B 126 2.67 -5.64 -24.28
N GLN B 127 3.27 -5.55 -25.45
CA GLN B 127 2.57 -5.85 -26.70
C GLN B 127 3.32 -7.00 -27.37
N LEU B 128 2.78 -7.49 -28.49
CA LEU B 128 3.43 -8.60 -29.23
C LEU B 128 3.97 -8.06 -30.55
N SER B 129 5.05 -8.66 -31.04
CA SER B 129 5.64 -8.26 -32.33
C SER B 129 6.16 -9.49 -33.07
N ALA B 130 6.17 -9.44 -34.39
CA ALA B 130 6.75 -10.52 -35.22
C ALA B 130 6.89 -10.04 -36.66
N ASN B 131 7.48 -10.88 -37.48
CA ASN B 131 7.58 -10.57 -38.94
C ASN B 131 6.36 -11.16 -39.64
N ARG B 132 5.36 -11.57 -38.86
CA ARG B 132 4.09 -12.04 -39.43
C ARG B 132 2.94 -11.62 -38.51
N PRO B 133 1.71 -11.44 -39.04
CA PRO B 133 0.61 -11.00 -38.20
C PRO B 133 0.34 -11.89 -37.02
N LEU B 134 -0.07 -11.31 -35.89
CA LEU B 134 -0.45 -12.10 -34.70
C LEU B 134 -1.85 -11.64 -34.29
N LEU B 135 -2.88 -12.18 -34.95
CA LEU B 135 -4.28 -11.75 -34.71
C LEU B 135 -4.90 -12.74 -33.74
N GLU B 136 -4.63 -14.02 -33.97
CA GLU B 136 -5.18 -15.07 -33.09
C GLU B 136 -4.05 -15.86 -32.42
N PRO B 137 -4.32 -16.52 -31.27
CA PRO B 137 -3.27 -17.22 -30.54
C PRO B 137 -2.51 -18.32 -31.31
N GLU B 138 -3.14 -18.92 -32.30
CA GLU B 138 -2.51 -19.99 -33.08
C GLU B 138 -1.44 -19.41 -34.01
N ASP B 139 -1.54 -18.12 -34.33
CA ASP B 139 -0.57 -17.42 -35.22
C ASP B 139 0.83 -17.41 -34.60
N ALA B 140 0.94 -17.69 -33.29
CA ALA B 140 2.24 -17.70 -32.59
C ALA B 140 2.97 -19.04 -32.75
N ARG B 141 2.25 -20.07 -33.20
CA ARG B 141 2.85 -21.43 -33.27
C ARG B 141 4.11 -21.47 -34.13
N GLY B 142 5.17 -22.08 -33.61
CA GLY B 142 6.41 -22.25 -34.39
C GLY B 142 7.36 -21.08 -34.35
N LEU B 143 6.88 -19.92 -33.93
CA LEU B 143 7.76 -18.72 -33.99
C LEU B 143 8.81 -18.75 -32.86
N LYS B 144 9.86 -17.95 -33.05
CA LYS B 144 10.92 -17.83 -32.03
C LYS B 144 10.74 -16.46 -31.37
N PHE B 145 10.39 -16.47 -30.09
CA PHE B 145 10.15 -15.21 -29.35
C PHE B 145 11.29 -14.93 -28.37
N ARG B 146 11.84 -13.73 -28.45
CA ARG B 146 12.84 -13.34 -27.44
C ARG B 146 12.07 -13.02 -26.17
N VAL B 147 12.55 -13.52 -25.05
CA VAL B 147 11.94 -13.15 -23.76
C VAL B 147 13.06 -12.66 -22.83
N GLN B 148 12.67 -11.90 -21.84
CA GLN B 148 13.64 -11.59 -20.78
C GLN B 148 13.98 -12.94 -20.13
N ALA B 149 15.04 -12.98 -19.32
CA ALA B 149 15.44 -14.22 -18.63
C ALA B 149 14.44 -14.53 -17.51
N SER B 150 13.31 -15.16 -17.85
CA SER B 150 12.23 -15.50 -16.88
C SER B 150 11.62 -16.86 -17.24
N ASP B 151 11.50 -17.75 -16.26
CA ASP B 151 10.85 -19.06 -16.53
C ASP B 151 9.38 -18.83 -16.89
N VAL B 152 8.73 -17.88 -16.24
CA VAL B 152 7.29 -17.60 -16.49
C VAL B 152 7.13 -17.21 -17.97
N LEU B 153 7.92 -16.25 -18.40
CA LEU B 153 7.81 -15.77 -19.80
C LEU B 153 8.26 -16.87 -20.79
N ASN B 154 9.24 -17.69 -20.39
CA ASN B 154 9.63 -18.84 -21.25
C ASN B 154 8.41 -19.74 -21.41
N GLU B 155 7.78 -20.10 -20.30
CA GLU B 155 6.58 -20.99 -20.32
C GLU B 155 5.41 -20.35 -21.07
N GLN B 156 5.30 -19.02 -21.03
CA GLN B 156 4.16 -18.34 -21.68
C GLN B 156 4.17 -18.66 -23.18
N PHE B 157 5.32 -18.55 -23.82
CA PHE B 157 5.35 -18.79 -25.28
C PHE B 157 5.32 -20.30 -25.54
N ARG B 158 5.86 -21.09 -24.62
CA ARG B 158 5.83 -22.57 -24.77
C ARG B 158 4.36 -23.01 -24.74
N GLN B 159 3.54 -22.32 -23.95
CA GLN B 159 2.09 -22.65 -23.86
C GLN B 159 1.42 -22.39 -25.22
N LEU B 160 1.97 -21.46 -26.01
CA LEU B 160 1.37 -21.12 -27.33
C LEU B 160 2.03 -21.99 -28.42
N ARG B 161 2.79 -23.00 -28.02
CA ARG B 161 3.49 -23.92 -28.96
C ARG B 161 4.52 -23.10 -29.76
N ALA B 162 5.06 -22.07 -29.12
CA ALA B 162 6.13 -21.28 -29.76
C ALA B 162 7.46 -21.62 -29.09
N ILE B 163 8.56 -21.09 -29.63
CA ILE B 163 9.91 -21.32 -29.06
C ILE B 163 10.36 -20.04 -28.35
N SER B 164 10.80 -20.18 -27.11
CA SER B 164 11.29 -19.03 -26.30
C SER B 164 12.82 -18.99 -26.32
N ARG B 165 13.37 -17.78 -26.40
CA ARG B 165 14.85 -17.61 -26.36
C ARG B 165 15.16 -16.48 -25.37
N LYS B 166 15.67 -16.85 -24.20
CA LYS B 166 16.08 -15.82 -23.21
C LYS B 166 17.29 -15.08 -23.78
N MET B 167 17.13 -13.77 -24.02
CA MET B 167 18.27 -12.95 -24.49
C MET B 167 18.29 -11.62 -23.72
N SER B 168 19.49 -11.11 -23.49
CA SER B 168 19.61 -9.78 -22.85
C SER B 168 18.97 -8.70 -23.75
N PHE B 169 18.37 -7.68 -23.13
CA PHE B 169 17.72 -6.58 -23.87
C PHE B 169 18.63 -6.00 -24.97
N ALA B 170 19.93 -5.94 -24.73
CA ALA B 170 20.83 -5.30 -25.71
C ALA B 170 20.91 -6.12 -27.00
N GLU B 171 20.57 -7.40 -26.95
CA GLU B 171 20.77 -8.26 -28.15
C GLU B 171 19.49 -8.38 -28.97
N VAL B 172 18.39 -7.79 -28.53
CA VAL B 172 17.07 -8.01 -29.18
C VAL B 172 17.09 -7.56 -30.65
N TYR B 173 17.59 -6.36 -30.93
CA TYR B 173 17.50 -5.85 -32.32
C TYR B 173 18.20 -6.80 -33.28
N GLN B 174 19.46 -7.11 -32.97
CA GLN B 174 20.26 -7.95 -33.90
C GLN B 174 19.65 -9.35 -33.96
N GLY B 175 19.11 -9.84 -32.84
CA GLY B 175 18.46 -11.15 -32.85
C GLY B 175 17.32 -11.21 -33.84
N LEU B 176 16.50 -10.18 -33.84
CA LEU B 176 15.33 -10.14 -34.77
C LEU B 176 15.83 -9.90 -36.20
N GLN B 177 16.85 -9.07 -36.36
CA GLN B 177 17.36 -8.75 -37.71
C GLN B 177 17.96 -9.99 -38.35
N THR B 178 18.63 -10.83 -37.57
CA THR B 178 19.37 -12.00 -38.10
C THR B 178 18.53 -13.26 -38.21
N GLY B 179 17.32 -13.22 -37.67
CA GLY B 179 16.46 -14.42 -37.69
C GLY B 179 16.70 -15.35 -36.52
N VAL B 180 17.67 -15.05 -35.67
CA VAL B 180 17.85 -15.86 -34.43
C VAL B 180 16.49 -15.94 -33.73
N VAL B 181 15.77 -14.82 -33.70
CA VAL B 181 14.38 -14.77 -33.16
C VAL B 181 13.50 -14.08 -34.23
N ASN B 182 12.22 -14.36 -34.24
CA ASN B 182 11.30 -13.81 -35.27
C ASN B 182 10.31 -12.83 -34.63
N GLY B 183 10.14 -12.88 -33.32
CA GLY B 183 9.17 -12.04 -32.63
C GLY B 183 9.57 -11.79 -31.20
N THR B 184 8.88 -10.88 -30.54
CA THR B 184 9.15 -10.63 -29.11
C THR B 184 7.96 -9.96 -28.48
N GLU B 185 8.14 -9.52 -27.24
CA GLU B 185 7.09 -8.79 -26.50
C GLU B 185 7.82 -7.65 -25.77
N ASN B 186 7.16 -6.50 -25.69
CA ASN B 186 7.75 -5.35 -24.95
C ASN B 186 6.81 -4.15 -24.95
N THR B 187 7.23 -3.07 -24.30
CA THR B 187 6.45 -1.83 -24.28
C THR B 187 6.70 -1.05 -25.54
N TRP B 188 5.74 -0.22 -25.93
CA TRP B 188 5.96 0.66 -27.09
C TRP B 188 7.28 1.43 -26.92
N SER B 189 7.54 1.94 -25.70
CA SER B 189 8.76 2.74 -25.45
C SER B 189 10.03 1.96 -25.82
N ASN B 190 10.16 0.72 -25.37
CA ASN B 190 11.37 -0.11 -25.64
C ASN B 190 11.50 -0.38 -27.14
N TYR B 191 10.39 -0.75 -27.78
CA TYR B 191 10.42 -1.03 -29.23
C TYR B 191 10.89 0.17 -30.01
N GLU B 192 10.34 1.34 -29.70
CA GLU B 192 10.64 2.55 -30.50
C GLU B 192 12.01 3.12 -30.14
N SER B 193 12.33 3.14 -28.86
CA SER B 193 13.61 3.75 -28.39
C SER B 193 14.81 2.95 -28.92
N GLN B 194 14.60 1.66 -29.22
CA GLN B 194 15.69 0.80 -29.77
C GLN B 194 15.46 0.53 -31.27
N LYS B 195 14.53 1.24 -31.89
CA LYS B 195 14.25 1.11 -33.35
C LYS B 195 14.00 -0.35 -33.76
N VAL B 196 13.42 -1.14 -32.87
CA VAL B 196 13.12 -2.57 -33.17
C VAL B 196 11.96 -2.64 -34.17
N ASN B 197 11.16 -1.59 -34.24
CA ASN B 197 10.08 -1.51 -35.26
C ASN B 197 10.71 -1.63 -36.66
N GLU B 198 11.99 -1.31 -36.79
CA GLU B 198 12.70 -1.42 -38.09
C GLU B 198 12.86 -2.90 -38.48
N VAL B 199 12.79 -3.82 -37.52
CA VAL B 199 13.01 -5.27 -37.80
C VAL B 199 11.77 -6.08 -37.37
N GLN B 200 10.64 -5.41 -37.17
CA GLN B 200 9.38 -6.08 -36.80
C GLN B 200 8.23 -5.43 -37.59
N LYS B 201 7.66 -6.15 -38.55
CA LYS B 201 6.65 -5.53 -39.45
C LYS B 201 5.27 -5.54 -38.80
N TYR B 202 5.04 -6.47 -37.88
CA TYR B 202 3.67 -6.57 -37.32
C TYR B 202 3.68 -6.47 -35.82
N PHE B 203 2.90 -5.53 -35.30
CA PHE B 203 2.73 -5.39 -33.84
C PHE B 203 1.28 -5.69 -33.52
N THR B 204 1.03 -6.30 -32.38
CA THR B 204 -0.35 -6.53 -31.94
C THR B 204 -0.51 -5.92 -30.57
N GLU B 205 -1.45 -4.98 -30.43
CA GLU B 205 -1.72 -4.35 -29.11
C GLU B 205 -2.49 -5.37 -28.27
N SER B 206 -1.78 -6.11 -27.43
CA SER B 206 -2.38 -7.23 -26.65
C SER B 206 -2.57 -6.84 -25.18
N ASN B 207 -1.73 -5.95 -24.65
CA ASN B 207 -1.76 -5.61 -23.21
C ASN B 207 -1.78 -6.92 -22.41
N HIS B 208 -0.94 -7.87 -22.80
CA HIS B 208 -0.97 -9.23 -22.19
C HIS B 208 -0.09 -9.36 -20.95
N GLY B 209 0.67 -8.31 -20.66
CA GLY B 209 1.57 -8.32 -19.51
C GLY B 209 2.17 -6.95 -19.30
N LEU B 210 3.23 -6.88 -18.51
CA LEU B 210 3.78 -5.56 -18.18
C LEU B 210 5.29 -5.57 -18.07
N VAL B 211 5.89 -4.40 -18.28
CA VAL B 211 7.33 -4.21 -17.95
C VAL B 211 7.30 -3.10 -16.88
N ASP B 212 7.56 -3.47 -15.63
CA ASP B 212 7.72 -2.49 -14.54
C ASP B 212 9.07 -2.78 -13.88
N TYR B 213 9.52 -1.90 -12.99
CA TYR B 213 10.86 -2.04 -12.41
C TYR B 213 10.87 -1.93 -10.92
N MET B 214 11.82 -2.63 -10.31
CA MET B 214 12.06 -2.40 -8.87
C MET B 214 13.40 -1.64 -8.80
N VAL B 215 13.36 -0.42 -8.30
CA VAL B 215 14.62 0.32 -8.05
C VAL B 215 15.26 -0.40 -6.86
N ILE B 216 16.53 -0.78 -7.03
CA ILE B 216 17.22 -1.55 -5.95
C ILE B 216 18.63 -1.00 -5.69
N THR B 217 19.12 -1.30 -4.49
CA THR B 217 20.49 -0.94 -4.13
C THR B 217 21.09 -2.10 -3.37
N ASN B 218 22.39 -2.00 -3.11
CA ASN B 218 23.06 -2.98 -2.24
C ASN B 218 22.65 -2.63 -0.80
N ALA B 219 21.97 -3.55 -0.13
CA ALA B 219 21.44 -3.25 1.23
C ALA B 219 22.55 -2.79 2.17
N LYS B 220 23.70 -3.46 2.10
CA LYS B 220 24.82 -3.12 3.00
C LYS B 220 25.30 -1.69 2.68
N PHE B 221 25.45 -1.38 1.40
CA PHE B 221 25.92 -0.03 0.98
C PHE B 221 24.93 1.00 1.52
N TRP B 222 23.64 0.72 1.35
CA TRP B 222 22.58 1.66 1.75
C TRP B 222 22.53 1.82 3.28
N ASN B 223 22.64 0.71 4.00
CA ASN B 223 22.57 0.75 5.47
C ASN B 223 23.81 1.47 6.02
N GLY B 224 24.92 1.37 5.32
CA GLY B 224 26.19 1.99 5.78
C GLY B 224 26.26 3.46 5.48
N LEU B 225 25.24 3.98 4.79
CA LEU B 225 25.22 5.42 4.49
C LEU B 225 24.97 6.17 5.80
N PRO B 226 25.45 7.43 5.93
CA PRO B 226 25.08 8.23 7.09
C PRO B 226 23.56 8.37 7.03
N ALA B 227 22.88 8.25 8.17
CA ALA B 227 21.40 8.25 8.21
C ALA B 227 20.78 9.45 7.47
N ASP B 228 21.31 10.64 7.70
CA ASP B 228 20.69 11.85 7.08
C ASP B 228 20.76 11.70 5.57
N ILE B 229 21.90 11.23 5.06
CA ILE B 229 22.07 11.05 3.59
C ILE B 229 21.08 10.00 3.08
N ARG B 230 21.02 8.85 3.74
CA ARG B 230 20.07 7.78 3.31
C ARG B 230 18.63 8.32 3.27
N GLU B 231 18.19 9.00 4.33
CA GLU B 231 16.77 9.44 4.36
C GLU B 231 16.54 10.46 3.23
N GLU B 232 17.50 11.37 3.04
CA GLU B 232 17.32 12.41 2.00
C GLU B 232 17.26 11.74 0.62
N LEU B 233 18.16 10.79 0.36
CA LEU B 233 18.19 10.09 -0.95
C LEU B 233 16.85 9.39 -1.19
N GLN B 234 16.29 8.78 -0.14
CA GLN B 234 15.02 8.04 -0.29
C GLN B 234 13.87 9.02 -0.63
N ARG B 235 13.86 10.18 0.01
CA ARG B 235 12.81 11.18 -0.25
C ARG B 235 12.92 11.67 -1.71
N ILE B 236 14.14 11.87 -2.18
CA ILE B 236 14.33 12.33 -3.58
C ILE B 236 13.87 11.20 -4.51
N MET B 237 14.22 9.96 -4.20
CA MET B 237 13.77 8.79 -4.99
C MET B 237 12.24 8.79 -5.02
N ASP B 238 11.62 9.04 -3.87
CA ASP B 238 10.14 9.13 -3.79
C ASP B 238 9.59 10.17 -4.79
N GLU B 239 10.23 11.33 -4.86
CA GLU B 239 9.75 12.36 -5.79
C GLU B 239 9.97 11.88 -7.23
N VAL B 240 11.11 11.24 -7.48
CA VAL B 240 11.44 10.83 -8.88
C VAL B 240 10.44 9.73 -9.32
N THR B 241 10.06 8.86 -8.39
CA THR B 241 9.09 7.78 -8.71
C THR B 241 7.79 8.38 -9.26
N VAL B 242 7.26 9.40 -8.59
CA VAL B 242 6.02 10.08 -9.06
C VAL B 242 6.23 10.59 -10.49
N GLN B 243 7.34 11.26 -10.72
CA GLN B 243 7.66 11.81 -12.05
C GLN B 243 7.69 10.69 -13.09
N VAL B 244 8.38 9.60 -12.79
CA VAL B 244 8.54 8.49 -13.77
C VAL B 244 7.16 7.87 -14.05
N ASN B 245 6.45 7.51 -12.98
CA ASN B 245 5.16 6.82 -13.15
C ASN B 245 4.19 7.69 -13.97
N LEU B 246 4.29 9.01 -13.79
CA LEU B 246 3.36 9.90 -14.53
C LEU B 246 3.77 9.95 -16.02
N GLU B 247 5.07 10.03 -16.32
CA GLU B 247 5.50 10.20 -17.73
C GLU B 247 5.48 8.86 -18.52
N ALA B 248 5.55 7.73 -17.83
CA ALA B 248 5.56 6.43 -18.51
C ALA B 248 4.42 6.29 -19.53
N GLU B 249 3.19 6.58 -19.11
CA GLU B 249 2.00 6.41 -19.98
C GLU B 249 2.11 7.29 -21.23
N ARG B 250 2.56 8.51 -21.02
CA ARG B 250 2.65 9.48 -22.14
C ARG B 250 3.75 9.03 -23.11
N LEU B 251 4.93 8.69 -22.58
CA LEU B 251 6.05 8.28 -23.45
C LEU B 251 5.64 7.04 -24.28
N ASN B 252 4.88 6.15 -23.67
CA ASN B 252 4.42 4.94 -24.41
C ASN B 252 3.45 5.34 -25.53
N ARG B 253 2.54 6.25 -25.25
CA ARG B 253 1.60 6.73 -26.30
C ARG B 253 2.41 7.38 -27.44
N ASP B 254 3.38 8.20 -27.08
CA ASP B 254 4.22 8.85 -28.11
C ASP B 254 4.96 7.79 -28.91
N ALA B 255 5.41 6.74 -28.23
CA ALA B 255 6.17 5.67 -28.91
C ALA B 255 5.24 4.93 -29.89
N ARG B 256 4.05 4.56 -29.43
CA ARG B 256 3.06 3.88 -30.31
C ARG B 256 2.80 4.70 -31.58
N GLN B 257 2.66 6.02 -31.45
CA GLN B 257 2.30 6.85 -32.63
C GLN B 257 3.51 6.96 -33.57
N ARG B 258 4.71 7.06 -33.03
CA ARG B 258 5.90 7.09 -33.91
C ARG B 258 6.02 5.75 -34.65
N ILE B 259 5.68 4.64 -33.99
CA ILE B 259 5.80 3.31 -34.67
C ILE B 259 4.79 3.30 -35.82
N LEU B 260 3.60 3.83 -35.57
CA LEU B 260 2.55 3.83 -36.62
C LEU B 260 2.99 4.77 -37.77
N ALA B 261 3.53 5.95 -37.44
CA ALA B 261 3.89 6.94 -38.48
C ALA B 261 5.09 6.46 -39.31
N SER B 262 5.79 5.43 -38.85
CA SER B 262 7.01 4.97 -39.55
C SER B 262 6.63 4.52 -40.96
N GLY B 263 5.52 3.79 -41.08
CA GLY B 263 5.04 3.27 -42.37
C GLY B 263 5.54 1.87 -42.61
N ALA B 264 6.59 1.46 -41.88
CA ALA B 264 7.22 0.15 -42.13
C ALA B 264 6.72 -0.90 -41.15
N SER B 265 5.84 -0.50 -40.23
CA SER B 265 5.26 -1.47 -39.28
C SER B 265 3.75 -1.23 -39.15
N GLU B 266 3.00 -2.30 -38.99
CA GLU B 266 1.54 -2.18 -38.78
C GLU B 266 1.21 -2.50 -37.32
N ILE B 267 0.10 -1.95 -36.84
CA ILE B 267 -0.35 -2.29 -35.47
C ILE B 267 -1.78 -2.85 -35.52
N HIS B 268 -1.97 -4.08 -35.07
CA HIS B 268 -3.34 -4.61 -34.95
C HIS B 268 -3.75 -4.52 -33.48
N THR B 269 -4.79 -3.76 -33.19
CA THR B 269 -5.29 -3.67 -31.82
C THR B 269 -6.25 -4.81 -31.61
N LEU B 270 -5.98 -5.63 -30.60
CA LEU B 270 -6.83 -6.82 -30.37
C LEU B 270 -8.23 -6.37 -29.99
N SER B 271 -9.23 -7.07 -30.54
CA SER B 271 -10.63 -6.85 -30.14
C SER B 271 -10.82 -7.40 -28.73
N PRO B 272 -11.87 -6.99 -28.01
CA PRO B 272 -12.15 -7.58 -26.71
C PRO B 272 -12.22 -9.10 -26.72
N GLN B 273 -12.83 -9.66 -27.76
CA GLN B 273 -13.01 -11.12 -27.85
C GLN B 273 -11.69 -11.80 -28.21
N GLN B 274 -10.97 -11.27 -29.19
CA GLN B 274 -9.63 -11.82 -29.51
C GLN B 274 -8.76 -11.83 -28.24
N ARG B 275 -8.82 -10.74 -27.46
CA ARG B 275 -8.01 -10.66 -26.22
C ARG B 275 -8.46 -11.77 -25.27
N ALA B 276 -9.76 -12.01 -25.20
CA ALA B 276 -10.27 -13.08 -24.31
C ALA B 276 -9.71 -14.44 -24.72
N ASP B 277 -9.61 -14.69 -26.02
CA ASP B 277 -9.07 -16.00 -26.50
C ASP B 277 -7.56 -16.07 -26.26
N TRP B 278 -6.84 -14.98 -26.46
CA TRP B 278 -5.38 -15.01 -26.15
C TRP B 278 -5.22 -15.35 -24.67
N ARG B 279 -6.05 -14.76 -23.82
CA ARG B 279 -6.00 -15.02 -22.36
C ARG B 279 -6.28 -16.50 -22.07
N GLN B 280 -7.29 -17.06 -22.75
CA GLN B 280 -7.67 -18.47 -22.50
C GLN B 280 -6.49 -19.37 -22.89
N ALA B 281 -5.85 -19.07 -24.00
CA ALA B 281 -4.70 -19.86 -24.48
C ALA B 281 -3.46 -19.68 -23.59
N MET B 282 -3.27 -18.48 -23.05
CA MET B 282 -2.00 -18.20 -22.31
C MET B 282 -2.10 -18.46 -20.79
N GLN B 283 -3.29 -18.38 -20.20
CA GLN B 283 -3.42 -18.47 -18.72
C GLN B 283 -3.11 -19.84 -18.09
N PRO B 284 -3.19 -21.00 -18.77
CA PRO B 284 -2.74 -22.25 -18.16
C PRO B 284 -1.36 -22.17 -17.50
N VAL B 285 -0.51 -21.25 -17.96
CA VAL B 285 0.86 -21.05 -17.39
C VAL B 285 0.79 -20.75 -15.88
N TRP B 286 -0.29 -20.12 -15.44
CA TRP B 286 -0.36 -19.72 -14.02
C TRP B 286 -0.20 -20.95 -13.13
N GLN B 287 -0.69 -22.09 -13.58
CA GLN B 287 -0.71 -23.31 -12.73
C GLN B 287 0.71 -23.75 -12.33
N LYS B 288 1.68 -23.58 -13.22
CA LYS B 288 3.09 -23.93 -12.92
C LYS B 288 3.69 -23.02 -11.84
N PHE B 289 3.11 -21.84 -11.60
CA PHE B 289 3.78 -20.88 -10.67
C PHE B 289 2.89 -20.57 -9.47
N ARG B 290 1.63 -20.98 -9.52
CA ARG B 290 0.67 -20.71 -8.40
C ARG B 290 1.28 -21.02 -7.03
N GLY B 291 2.00 -22.14 -6.90
CA GLY B 291 2.61 -22.52 -5.61
C GLY B 291 3.77 -21.63 -5.22
N ASN B 292 4.62 -21.28 -6.17
CA ASN B 292 5.77 -20.38 -5.93
C ASN B 292 5.32 -19.02 -5.41
N VAL B 293 4.29 -18.44 -6.02
CA VAL B 293 3.89 -17.04 -5.64
C VAL B 293 3.04 -17.08 -4.37
N GLY B 294 2.23 -18.11 -4.19
CA GLY B 294 1.33 -18.11 -3.02
C GLY B 294 -0.05 -17.61 -3.37
N ALA B 295 -1.06 -18.10 -2.68
CA ALA B 295 -2.46 -17.73 -3.00
C ALA B 295 -2.83 -16.34 -2.47
N ASP B 296 -2.32 -15.98 -1.30
CA ASP B 296 -2.62 -14.64 -0.74
C ASP B 296 -2.00 -13.54 -1.61
N LEU B 297 -0.80 -13.76 -2.14
CA LEU B 297 -0.21 -12.74 -3.06
C LEU B 297 -1.04 -12.68 -4.35
N LEU B 298 -1.39 -13.84 -4.91
CA LEU B 298 -2.17 -13.88 -6.17
C LEU B 298 -3.54 -13.22 -5.94
N GLN B 299 -4.22 -13.56 -4.85
CA GLN B 299 -5.53 -12.94 -4.52
C GLN B 299 -5.37 -11.41 -4.46
N ALA B 300 -4.35 -10.94 -3.76
CA ALA B 300 -4.08 -9.48 -3.70
C ALA B 300 -3.94 -8.90 -5.11
N ALA B 301 -3.22 -9.60 -5.98
CA ALA B 301 -2.99 -9.09 -7.35
C ALA B 301 -4.32 -9.03 -8.10
N GLU B 302 -5.11 -10.10 -7.95
CA GLU B 302 -6.41 -10.14 -8.66
C GLU B 302 -7.32 -9.03 -8.10
N ALA B 303 -7.37 -8.85 -6.79
CA ALA B 303 -8.20 -7.78 -6.17
C ALA B 303 -7.81 -6.39 -6.67
N SER B 304 -6.59 -6.24 -7.21
CA SER B 304 -6.08 -4.92 -7.67
C SER B 304 -6.80 -4.47 -8.94
N ASN B 305 -7.51 -5.39 -9.58
CA ASN B 305 -8.21 -5.06 -10.83
C ASN B 305 -9.49 -4.30 -10.48
N ARG B 306 -9.96 -4.46 -9.24
CA ARG B 306 -11.16 -3.73 -8.75
C ARG B 306 -10.80 -2.26 -8.53
N PRO B 307 -11.37 -1.32 -9.31
CA PRO B 307 -11.12 0.10 -9.10
C PRO B 307 -11.76 0.59 -7.81
#